data_1A82
#
_entry.id   1A82
#
_cell.length_a   72.900
_cell.length_b   47.900
_cell.length_c   60.900
_cell.angle_alpha   90.00
_cell.angle_beta   106.50
_cell.angle_gamma   90.00
#
_symmetry.space_group_name_H-M   'C 1 2 1'
#
loop_
_entity.id
_entity.type
_entity.pdbx_description
1 polymer 'DETHIOBIOTIN SYNTHETASE'
2 non-polymer 'MAGNESIUM ION'
3 non-polymer '7,8-DIAMINO-NONANOIC ACID'
4 non-polymer "ADENOSINE-5'-TRIPHOSPHATE"
5 water water
#
_entity_poly.entity_id   1
_entity_poly.type   'polypeptide(L)'
_entity_poly.pdbx_seq_one_letter_code
;SKRYFVTGTDTEVGKTVASCALLQAAKAAGYRTAGYKPVASGSEKTPEGLRNSDALALQRNSSLQLDYATVNPYTFAEPT
SPHIISAQEGRPIESLVMSAGLRALEQQADWVLVEGAGGWFTPLSDTFTFADWVTQEQLPVILVVGVKLGCINHAMLTAQ
VIQHAGLTLAGWVANDVTPPGKRHAEYMTTLTRMIPAPLLGEIPWLAENPENAATGKYINLALL
;
_entity_poly.pdbx_strand_id   A
#
loop_
_chem_comp.id
_chem_comp.type
_chem_comp.name
_chem_comp.formula
ATP non-polymer ADENOSINE-5'-TRIPHOSPHATE 'C10 H16 N5 O13 P3'
DNN non-polymer '7,8-DIAMINO-NONANOIC ACID' 'C9 H20 N2 O2'
MG non-polymer 'MAGNESIUM ION' 'Mg 2'
#
# COMPACT_ATOMS: atom_id res chain seq x y z
N SER A 1 14.86 -10.81 4.71
CA SER A 1 14.41 -10.44 3.35
C SER A 1 13.80 -9.04 3.40
N LYS A 2 13.72 -8.37 2.25
CA LYS A 2 13.17 -7.02 2.22
C LYS A 2 11.64 -6.97 2.37
N ARG A 3 11.16 -5.99 3.15
CA ARG A 3 9.71 -5.79 3.39
C ARG A 3 9.41 -4.30 3.51
N TYR A 4 8.28 -3.88 2.96
CA TYR A 4 7.88 -2.48 3.01
C TYR A 4 6.39 -2.38 3.21
N PHE A 5 5.98 -1.37 3.98
CA PHE A 5 4.56 -1.14 4.17
C PHE A 5 4.20 0.08 3.31
N VAL A 6 3.16 -0.05 2.49
CA VAL A 6 2.73 1.02 1.64
C VAL A 6 1.45 1.66 2.20
N THR A 7 1.56 2.94 2.52
CA THR A 7 0.42 3.71 3.02
C THR A 7 0.20 4.87 2.05
N GLY A 8 -0.86 5.62 2.27
CA GLY A 8 -1.20 6.73 1.42
C GLY A 8 -1.74 7.90 2.23
N THR A 9 -1.74 9.04 1.58
CA THR A 9 -2.24 10.26 2.17
C THR A 9 -3.75 10.18 2.47
N ASP A 10 -4.43 9.16 1.93
CA ASP A 10 -5.87 8.96 2.11
C ASP A 10 -6.22 7.64 1.39
N THR A 11 -7.49 7.28 1.38
CA THR A 11 -7.95 6.13 0.63
C THR A 11 -8.12 6.71 -0.79
N GLU A 12 -8.03 5.86 -1.81
CA GLU A 12 -8.19 6.29 -3.20
C GLU A 12 -7.17 7.33 -3.70
N VAL A 13 -5.91 7.19 -3.31
CA VAL A 13 -4.88 8.11 -3.80
C VAL A 13 -3.90 7.39 -4.70
N GLY A 14 -4.02 6.07 -4.77
CA GLY A 14 -3.15 5.27 -5.62
C GLY A 14 -2.23 4.26 -4.95
N LYS A 15 -2.49 3.88 -3.70
CA LYS A 15 -1.65 2.88 -3.03
C LYS A 15 -1.50 1.61 -3.89
N THR A 16 -2.62 1.14 -4.44
CA THR A 16 -2.60 -0.09 -5.25
C THR A 16 -1.82 0.07 -6.55
N VAL A 17 -2.07 1.14 -7.28
CA VAL A 17 -1.35 1.39 -8.53
C VAL A 17 0.17 1.50 -8.24
N ALA A 18 0.55 2.29 -7.25
CA ALA A 18 1.95 2.45 -6.90
C ALA A 18 2.55 1.13 -6.43
N SER A 19 1.80 0.34 -5.66
CA SER A 19 2.29 -0.96 -5.18
C SER A 19 2.61 -1.91 -6.35
N CYS A 20 1.77 -1.89 -7.38
CA CYS A 20 1.99 -2.71 -8.56
C CYS A 20 3.27 -2.24 -9.26
N ALA A 21 3.46 -0.92 -9.32
CA ALA A 21 4.67 -0.37 -9.93
C ALA A 21 5.89 -0.80 -9.12
N LEU A 22 5.79 -0.73 -7.80
CA LEU A 22 6.88 -1.14 -6.93
C LEU A 22 7.21 -2.64 -7.14
N LEU A 23 6.18 -3.48 -7.13
CA LEU A 23 6.33 -4.92 -7.35
C LEU A 23 6.99 -5.25 -8.71
N GLN A 24 6.56 -4.57 -9.78
CA GLN A 24 7.12 -4.77 -11.12
C GLN A 24 8.60 -4.39 -11.14
N ALA A 25 8.94 -3.27 -10.49
CA ALA A 25 10.32 -2.82 -10.43
C ALA A 25 11.20 -3.82 -9.66
N ALA A 26 10.70 -4.39 -8.56
CA ALA A 26 11.50 -5.34 -7.79
C ALA A 26 11.77 -6.59 -8.59
N LYS A 27 10.75 -7.02 -9.34
CA LYS A 27 10.83 -8.21 -10.19
C LYS A 27 11.87 -7.92 -11.25
N ALA A 28 11.85 -6.70 -11.79
CA ALA A 28 12.83 -6.32 -12.81
C ALA A 28 14.25 -6.37 -12.24
N ALA A 29 14.38 -6.06 -10.95
CA ALA A 29 15.67 -6.09 -10.27
C ALA A 29 16.14 -7.52 -9.93
N GLY A 30 15.29 -8.52 -10.09
CA GLY A 30 15.71 -9.89 -9.80
C GLY A 30 15.15 -10.51 -8.53
N TYR A 31 14.31 -9.77 -7.81
CA TYR A 31 13.71 -10.28 -6.59
C TYR A 31 12.54 -11.26 -6.81
N ARG A 32 12.36 -12.12 -5.82
CA ARG A 32 11.25 -13.09 -5.76
C ARG A 32 10.26 -12.31 -4.91
N THR A 33 9.27 -11.73 -5.59
CA THR A 33 8.32 -10.83 -4.97
C THR A 33 6.95 -11.38 -4.53
N ALA A 34 6.35 -10.68 -3.58
CA ALA A 34 5.03 -11.02 -3.05
C ALA A 34 4.38 -9.75 -2.51
N GLY A 35 3.13 -9.53 -2.91
CA GLY A 35 2.34 -8.41 -2.41
C GLY A 35 1.47 -8.99 -1.31
N TYR A 36 1.20 -8.22 -0.26
CA TYR A 36 0.40 -8.68 0.86
C TYR A 36 -0.62 -7.60 1.21
N LYS A 37 -1.89 -7.97 1.22
CA LYS A 37 -3.00 -7.07 1.56
C LYS A 37 -3.72 -7.81 2.70
N PRO A 38 -3.19 -7.74 3.94
CA PRO A 38 -3.80 -8.44 5.07
C PRO A 38 -5.25 -8.17 5.32
N VAL A 39 -5.66 -6.92 5.23
CA VAL A 39 -7.05 -6.58 5.50
C VAL A 39 -7.62 -5.84 4.30
N ALA A 40 -8.75 -6.32 3.80
CA ALA A 40 -9.39 -5.71 2.65
C ALA A 40 -10.93 -5.54 2.83
N SER A 41 -11.46 -4.42 2.34
CA SER A 41 -12.89 -4.13 2.40
C SER A 41 -13.28 -3.62 1.01
N GLY A 42 -14.48 -3.97 0.57
CA GLY A 42 -14.94 -3.56 -0.76
C GLY A 42 -14.51 -4.68 -1.67
N SER A 43 -15.28 -5.77 -1.62
CA SER A 43 -14.96 -6.99 -2.36
C SER A 43 -16.16 -7.63 -3.07
N GLU A 44 -15.89 -8.35 -4.16
CA GLU A 44 -16.91 -9.00 -4.96
C GLU A 44 -17.04 -10.49 -4.68
N LYS A 45 -18.24 -11.01 -4.89
CA LYS A 45 -18.48 -12.42 -4.66
C LYS A 45 -18.00 -13.21 -5.88
N THR A 46 -17.47 -14.39 -5.62
CA THR A 46 -17.03 -15.30 -6.70
C THR A 46 -17.35 -16.71 -6.19
N PRO A 47 -17.17 -17.74 -7.05
CA PRO A 47 -17.45 -19.12 -6.60
C PRO A 47 -16.53 -19.56 -5.46
N GLU A 48 -15.36 -18.94 -5.36
CA GLU A 48 -14.44 -19.31 -4.30
C GLU A 48 -14.58 -18.50 -3.01
N GLY A 49 -15.54 -17.58 -2.99
CA GLY A 49 -15.75 -16.71 -1.83
C GLY A 49 -15.49 -15.29 -2.27
N LEU A 50 -15.35 -14.37 -1.32
CA LEU A 50 -15.13 -12.95 -1.63
C LEU A 50 -13.74 -12.67 -2.16
N ARG A 51 -13.64 -11.78 -3.15
CA ARG A 51 -12.35 -11.42 -3.73
C ARG A 51 -12.20 -9.90 -3.83
N ASN A 52 -11.11 -9.36 -3.30
CA ASN A 52 -10.83 -7.92 -3.32
C ASN A 52 -9.92 -7.57 -4.51
N SER A 53 -10.27 -6.51 -5.24
CA SER A 53 -9.50 -6.08 -6.42
C SER A 53 -8.05 -5.69 -6.14
N ASP A 54 -7.77 -5.07 -4.99
CA ASP A 54 -6.40 -4.70 -4.60
C ASP A 54 -5.59 -5.99 -4.43
N ALA A 55 -6.16 -6.92 -3.68
CA ALA A 55 -5.52 -8.19 -3.42
C ALA A 55 -5.25 -8.88 -4.77
N LEU A 56 -6.21 -8.83 -5.68
CA LEU A 56 -6.03 -9.44 -6.99
C LEU A 56 -4.91 -8.75 -7.78
N ALA A 57 -4.83 -7.42 -7.69
CA ALA A 57 -3.76 -6.69 -8.40
C ALA A 57 -2.38 -7.04 -7.85
N LEU A 58 -2.26 -7.11 -6.53
CA LEU A 58 -1.00 -7.46 -5.88
C LEU A 58 -0.62 -8.91 -6.24
N GLN A 59 -1.59 -9.83 -6.20
CA GLN A 59 -1.37 -11.23 -6.55
C GLN A 59 -0.82 -11.36 -8.00
N ARG A 60 -1.48 -10.71 -8.96
CA ARG A 60 -1.08 -10.71 -10.38
C ARG A 60 0.32 -10.11 -10.60
N ASN A 61 0.63 -9.08 -9.83
CA ASN A 61 1.92 -8.43 -9.97
C ASN A 61 3.07 -9.03 -9.16
N SER A 62 2.82 -10.14 -8.45
CA SER A 62 3.86 -10.83 -7.69
C SER A 62 4.56 -11.77 -8.69
N SER A 63 5.88 -11.91 -8.60
CA SER A 63 6.63 -12.76 -9.52
C SER A 63 6.34 -14.22 -9.22
N LEU A 64 5.99 -14.50 -7.98
CA LEU A 64 5.67 -15.87 -7.53
C LEU A 64 4.17 -16.15 -7.70
N GLN A 65 3.81 -17.40 -7.93
CA GLN A 65 2.40 -17.73 -8.02
C GLN A 65 1.92 -17.93 -6.59
N LEU A 66 1.05 -17.04 -6.14
CA LEU A 66 0.55 -17.08 -4.77
C LEU A 66 -0.92 -17.40 -4.70
N ASP A 67 -1.32 -18.12 -3.64
CA ASP A 67 -2.74 -18.43 -3.40
C ASP A 67 -3.40 -17.15 -2.89
N TYR A 68 -4.64 -16.94 -3.28
CA TYR A 68 -5.38 -15.76 -2.85
C TYR A 68 -5.33 -15.52 -1.34
N ALA A 69 -5.67 -16.54 -0.54
CA ALA A 69 -5.69 -16.39 0.91
C ALA A 69 -4.36 -15.98 1.52
N THR A 70 -3.27 -16.36 0.88
CA THR A 70 -1.94 -16.03 1.36
C THR A 70 -1.72 -14.51 1.16
N VAL A 71 -2.29 -13.98 0.09
CA VAL A 71 -2.19 -12.55 -0.20
C VAL A 71 -3.18 -11.73 0.66
N ASN A 72 -4.36 -12.28 0.89
CA ASN A 72 -5.39 -11.54 1.64
C ASN A 72 -6.25 -12.42 2.57
N PRO A 73 -5.80 -12.61 3.81
CA PRO A 73 -6.47 -13.42 4.84
C PRO A 73 -7.85 -12.92 5.26
N TYR A 74 -8.03 -11.60 5.26
CA TYR A 74 -9.28 -10.97 5.68
C TYR A 74 -9.96 -10.19 4.55
N THR A 75 -11.09 -10.70 4.07
CA THR A 75 -11.83 -10.10 2.97
C THR A 75 -13.26 -9.75 3.37
N PHE A 76 -13.61 -8.47 3.30
CA PHE A 76 -14.96 -8.04 3.65
C PHE A 76 -15.60 -7.44 2.40
N ALA A 77 -16.85 -7.78 2.14
CA ALA A 77 -17.56 -7.27 0.96
C ALA A 77 -17.80 -5.77 0.96
N GLU A 78 -18.26 -5.26 2.09
CA GLU A 78 -18.60 -3.86 2.19
C GLU A 78 -17.42 -2.91 2.21
N PRO A 79 -17.45 -1.88 1.36
CA PRO A 79 -16.39 -0.87 1.25
C PRO A 79 -16.47 0.24 2.33
N THR A 80 -16.13 -0.14 3.57
CA THR A 80 -16.17 0.78 4.71
C THR A 80 -14.93 0.51 5.59
N SER A 81 -14.81 1.21 6.71
CA SER A 81 -13.66 1.01 7.60
C SER A 81 -13.67 -0.46 8.10
N PRO A 82 -12.51 -1.14 8.05
CA PRO A 82 -12.37 -2.54 8.48
C PRO A 82 -12.99 -2.83 9.84
N HIS A 83 -12.77 -1.96 10.82
CA HIS A 83 -13.34 -2.19 12.15
C HIS A 83 -14.88 -2.24 12.22
N ILE A 84 -15.56 -1.45 11.39
CA ILE A 84 -17.03 -1.38 11.37
C ILE A 84 -17.63 -2.66 10.81
N ILE A 85 -17.17 -3.08 9.64
CA ILE A 85 -17.67 -4.29 9.00
C ILE A 85 -17.20 -5.58 9.75
N SER A 86 -16.00 -5.57 10.32
CA SER A 86 -15.52 -6.72 11.10
C SER A 86 -16.42 -6.94 12.33
N ALA A 87 -16.79 -5.84 13.01
CA ALA A 87 -17.67 -5.96 14.18
C ALA A 87 -19.06 -6.44 13.78
N GLN A 88 -19.62 -5.85 12.72
CA GLN A 88 -20.97 -6.19 12.23
C GLN A 88 -21.04 -7.65 11.80
N GLU A 89 -19.97 -8.15 11.19
CA GLU A 89 -19.96 -9.54 10.75
C GLU A 89 -19.43 -10.51 11.77
N GLY A 90 -18.93 -10.01 12.89
CA GLY A 90 -18.40 -10.87 13.95
C GLY A 90 -17.19 -11.67 13.53
N ARG A 91 -16.31 -11.05 12.76
CA ARG A 91 -15.10 -11.71 12.30
C ARG A 91 -13.95 -10.80 12.74
N PRO A 92 -13.42 -11.02 13.95
CA PRO A 92 -12.31 -10.22 14.51
C PRO A 92 -11.07 -10.17 13.62
N ILE A 93 -10.43 -9.01 13.56
CA ILE A 93 -9.17 -8.86 12.79
C ILE A 93 -8.09 -9.01 13.86
N GLU A 94 -7.26 -10.03 13.72
CA GLU A 94 -6.21 -10.32 14.70
C GLU A 94 -4.78 -10.03 14.22
N SER A 95 -4.07 -9.22 15.01
CA SER A 95 -2.68 -8.86 14.75
C SER A 95 -1.83 -10.10 14.50
N LEU A 96 -1.96 -11.09 15.37
CA LEU A 96 -1.22 -12.35 15.23
C LEU A 96 -1.42 -13.02 13.88
N VAL A 97 -2.65 -13.03 13.36
CA VAL A 97 -2.96 -13.65 12.06
C VAL A 97 -2.32 -12.84 10.92
N MET A 98 -2.40 -11.52 11.01
CA MET A 98 -1.80 -10.62 10.02
C MET A 98 -0.28 -10.82 9.99
N SER A 99 0.35 -10.93 11.16
CA SER A 99 1.79 -11.16 11.26
C SER A 99 2.18 -12.54 10.75
N ALA A 100 1.37 -13.56 11.05
CA ALA A 100 1.63 -14.92 10.58
C ALA A 100 1.60 -14.94 9.05
N GLY A 101 0.65 -14.21 8.47
CA GLY A 101 0.54 -14.14 7.01
C GLY A 101 1.78 -13.52 6.35
N LEU A 102 2.36 -12.50 6.99
CA LEU A 102 3.57 -11.88 6.45
C LEU A 102 4.74 -12.89 6.45
N ARG A 103 4.90 -13.61 7.57
CA ARG A 103 5.97 -14.60 7.69
C ARG A 103 5.80 -15.70 6.65
N ALA A 104 4.56 -16.09 6.39
CA ALA A 104 4.25 -17.13 5.42
C ALA A 104 4.73 -16.73 4.02
N LEU A 105 4.52 -15.47 3.65
CA LEU A 105 4.97 -14.99 2.33
C LEU A 105 6.50 -14.99 2.27
N GLU A 106 7.13 -14.67 3.39
CA GLU A 106 8.58 -14.64 3.49
C GLU A 106 9.21 -16.03 3.39
N GLN A 107 8.39 -17.07 3.44
CA GLN A 107 8.87 -18.44 3.27
C GLN A 107 9.35 -18.59 1.83
N GLN A 108 8.73 -17.86 0.92
CA GLN A 108 9.09 -17.96 -0.47
C GLN A 108 9.58 -16.70 -1.18
N ALA A 109 9.25 -15.52 -0.66
CA ALA A 109 9.68 -14.29 -1.31
C ALA A 109 10.81 -13.63 -0.55
N ASP A 110 11.67 -12.90 -1.27
CA ASP A 110 12.76 -12.20 -0.60
C ASP A 110 12.55 -10.68 -0.68
N TRP A 111 11.38 -10.29 -1.17
CA TRP A 111 11.00 -8.88 -1.30
C TRP A 111 9.47 -8.87 -1.13
N VAL A 112 8.99 -8.33 -0.01
CA VAL A 112 7.56 -8.32 0.24
C VAL A 112 6.99 -6.90 0.41
N LEU A 113 5.88 -6.64 -0.25
CA LEU A 113 5.25 -5.34 -0.17
C LEU A 113 3.91 -5.52 0.51
N VAL A 114 3.64 -4.70 1.51
CA VAL A 114 2.38 -4.79 2.26
C VAL A 114 1.54 -3.55 2.05
N GLU A 115 0.37 -3.70 1.44
CA GLU A 115 -0.50 -2.53 1.25
C GLU A 115 -1.47 -2.43 2.44
N GLY A 116 -1.58 -1.23 3.00
CA GLY A 116 -2.47 -1.02 4.11
C GLY A 116 -3.87 -0.85 3.56
N ALA A 117 -4.76 -0.24 4.33
CA ALA A 117 -6.13 -0.01 3.89
C ALA A 117 -6.41 1.42 4.29
N GLY A 118 -6.95 2.19 3.35
CA GLY A 118 -7.21 3.60 3.65
C GLY A 118 -5.91 4.35 3.94
N GLY A 119 -5.93 5.16 4.98
CA GLY A 119 -4.77 5.93 5.35
C GLY A 119 -4.05 5.32 6.54
N TRP A 120 -3.12 6.07 7.10
CA TRP A 120 -2.30 5.59 8.22
C TRP A 120 -3.07 5.04 9.44
N PHE A 121 -4.06 5.79 9.91
CA PHE A 121 -4.81 5.43 11.10
C PHE A 121 -6.09 4.60 10.98
N THR A 122 -6.29 3.93 9.85
CA THR A 122 -7.48 3.11 9.65
C THR A 122 -7.68 2.08 10.78
N PRO A 123 -8.81 2.16 11.50
CA PRO A 123 -9.05 1.21 12.59
C PRO A 123 -9.36 -0.22 12.11
N LEU A 124 -8.87 -1.20 12.87
CA LEU A 124 -9.07 -2.64 12.65
C LEU A 124 -10.06 -3.18 13.69
N SER A 125 -10.10 -2.54 14.87
CA SER A 125 -11.05 -2.88 15.94
C SER A 125 -11.32 -1.57 16.68
N ASP A 126 -12.10 -1.64 17.75
CA ASP A 126 -12.41 -0.47 18.56
C ASP A 126 -11.21 0.01 19.38
N THR A 127 -10.16 -0.80 19.44
CA THR A 127 -8.97 -0.46 20.20
C THR A 127 -7.64 -0.68 19.47
N PHE A 128 -7.68 -0.98 18.17
CA PHE A 128 -6.46 -1.29 17.39
C PHE A 128 -6.58 -0.72 15.98
N THR A 129 -5.54 0.00 15.53
CA THR A 129 -5.52 0.57 14.18
C THR A 129 -4.42 -0.12 13.36
N PHE A 130 -4.43 0.09 12.05
CA PHE A 130 -3.41 -0.48 11.18
C PHE A 130 -2.03 0.05 11.59
N ALA A 131 -1.97 1.33 11.96
CA ALA A 131 -0.73 1.93 12.41
C ALA A 131 -0.14 1.15 13.58
N ASP A 132 -1.00 0.66 14.48
CA ASP A 132 -0.52 -0.13 15.62
C ASP A 132 0.24 -1.36 15.14
N TRP A 133 -0.31 -2.03 14.12
CA TRP A 133 0.31 -3.23 13.56
C TRP A 133 1.61 -2.92 12.85
N VAL A 134 1.63 -1.88 12.04
CA VAL A 134 2.84 -1.50 11.33
C VAL A 134 3.96 -1.19 12.34
N THR A 135 3.63 -0.53 13.44
CA THR A 135 4.60 -0.21 14.48
C THR A 135 5.11 -1.48 15.17
N GLN A 136 4.21 -2.42 15.39
CA GLN A 136 4.55 -3.68 16.02
C GLN A 136 5.57 -4.40 15.14
N GLU A 137 5.28 -4.45 13.84
CA GLU A 137 6.16 -5.12 12.87
C GLU A 137 7.45 -4.37 12.52
N GLN A 138 7.53 -3.10 12.89
CA GLN A 138 8.72 -2.29 12.58
C GLN A 138 9.02 -2.29 11.10
N LEU A 139 7.97 -2.19 10.30
CA LEU A 139 8.09 -2.17 8.85
C LEU A 139 8.49 -0.79 8.32
N PRO A 140 9.42 -0.71 7.36
CA PRO A 140 9.81 0.60 6.78
C PRO A 140 8.57 1.02 5.96
N VAL A 141 8.24 2.30 5.97
CA VAL A 141 7.03 2.75 5.29
C VAL A 141 7.27 3.55 4.01
N ILE A 142 6.50 3.26 2.96
CA ILE A 142 6.57 3.99 1.71
C ILE A 142 5.26 4.78 1.62
N LEU A 143 5.35 6.09 1.47
CA LEU A 143 4.16 6.95 1.39
C LEU A 143 3.76 7.27 -0.04
N VAL A 144 2.54 6.91 -0.42
CA VAL A 144 2.05 7.20 -1.76
C VAL A 144 1.23 8.48 -1.68
N VAL A 145 1.67 9.47 -2.43
CA VAL A 145 1.02 10.77 -2.48
C VAL A 145 0.28 11.02 -3.78
N GLY A 146 -1.05 11.07 -3.72
CA GLY A 146 -1.81 11.36 -4.91
C GLY A 146 -1.63 12.86 -5.10
N VAL A 147 -1.00 13.26 -6.20
CA VAL A 147 -0.77 14.67 -6.47
C VAL A 147 -2.06 15.43 -6.83
N LYS A 148 -2.58 16.17 -5.86
CA LYS A 148 -3.79 16.96 -6.01
C LYS A 148 -3.84 17.99 -4.89
N LEU A 149 -4.76 18.93 -5.00
CA LEU A 149 -4.96 19.96 -3.98
C LEU A 149 -5.21 19.30 -2.61
N GLY A 150 -4.49 19.72 -1.58
CA GLY A 150 -4.67 19.14 -0.27
C GLY A 150 -3.66 18.08 0.08
N CYS A 151 -2.91 17.60 -0.90
CA CYS A 151 -1.92 16.54 -0.68
C CYS A 151 -0.71 16.95 0.17
N ILE A 152 -0.29 18.22 0.11
CA ILE A 152 0.85 18.68 0.91
C ILE A 152 0.57 18.47 2.41
N ASN A 153 -0.57 18.99 2.88
CA ASN A 153 -1.01 18.83 4.27
C ASN A 153 -1.08 17.35 4.66
N HIS A 154 -1.73 16.54 3.84
CA HIS A 154 -1.85 15.12 4.13
C HIS A 154 -0.50 14.40 4.15
N ALA A 155 0.39 14.73 3.21
CA ALA A 155 1.70 14.11 3.18
C ALA A 155 2.45 14.50 4.43
N MET A 156 2.40 15.78 4.78
CA MET A 156 3.11 16.27 5.95
C MET A 156 2.62 15.65 7.25
N LEU A 157 1.30 15.56 7.41
CA LEU A 157 0.68 14.96 8.58
C LEU A 157 1.12 13.51 8.72
N THR A 158 1.00 12.75 7.62
CA THR A 158 1.35 11.33 7.65
C THR A 158 2.84 11.11 7.94
N ALA A 159 3.70 11.86 7.27
CA ALA A 159 5.14 11.73 7.50
C ALA A 159 5.49 12.01 8.98
N GLN A 160 4.92 13.07 9.56
CA GLN A 160 5.22 13.41 10.95
C GLN A 160 4.82 12.31 11.93
N VAL A 161 3.62 11.78 11.76
CA VAL A 161 3.10 10.73 12.62
C VAL A 161 3.92 9.43 12.51
N ILE A 162 4.30 9.08 11.29
CA ILE A 162 5.10 7.89 11.06
C ILE A 162 6.44 8.03 11.81
N GLN A 163 7.11 9.16 11.62
CA GLN A 163 8.38 9.38 12.28
C GLN A 163 8.24 9.39 13.80
N HIS A 164 7.17 9.97 14.28
CA HIS A 164 6.93 10.06 15.72
C HIS A 164 6.82 8.64 16.34
N ALA A 165 6.17 7.75 15.60
CA ALA A 165 5.95 6.34 16.03
C ALA A 165 7.28 5.58 16.08
N GLY A 166 8.36 6.28 15.72
CA GLY A 166 9.69 5.71 15.72
C GLY A 166 10.00 4.88 14.49
N LEU A 167 9.14 4.98 13.47
CA LEU A 167 9.30 4.22 12.23
C LEU A 167 10.09 4.96 11.16
N THR A 168 10.62 4.21 10.21
CA THR A 168 11.40 4.74 9.11
C THR A 168 10.53 4.98 7.89
N LEU A 169 10.57 6.19 7.37
CA LEU A 169 9.83 6.53 6.15
C LEU A 169 10.89 6.26 5.07
N ALA A 170 10.78 5.09 4.43
CA ALA A 170 11.74 4.64 3.42
C ALA A 170 11.70 5.44 2.11
N GLY A 171 10.55 6.02 1.79
CA GLY A 171 10.45 6.79 0.57
C GLY A 171 9.01 7.18 0.28
N TRP A 172 8.81 8.00 -0.75
CA TRP A 172 7.47 8.40 -1.15
C TRP A 172 7.35 8.26 -2.68
N VAL A 173 6.12 8.06 -3.13
CA VAL A 173 5.85 7.91 -4.55
C VAL A 173 4.80 8.94 -4.94
N ALA A 174 5.10 9.73 -5.97
CA ALA A 174 4.15 10.72 -6.46
C ALA A 174 3.26 10.01 -7.48
N ASN A 175 1.96 10.06 -7.28
CA ASN A 175 1.04 9.43 -8.21
C ASN A 175 0.12 10.46 -8.85
N ASP A 176 0.16 10.56 -10.18
CA ASP A 176 -0.67 11.52 -10.89
C ASP A 176 -2.06 10.96 -11.08
N VAL A 177 -2.92 11.25 -10.12
CA VAL A 177 -4.29 10.77 -10.13
C VAL A 177 -5.14 11.45 -11.21
N THR A 178 -4.72 12.62 -11.65
CA THR A 178 -5.47 13.34 -12.68
C THR A 178 -4.51 13.87 -13.75
N PRO A 179 -5.06 14.34 -14.89
CA PRO A 179 -4.23 14.87 -15.97
C PRO A 179 -3.45 16.07 -15.44
N PRO A 180 -2.35 16.43 -16.13
CA PRO A 180 -1.51 17.56 -15.74
C PRO A 180 -2.30 18.84 -15.42
N GLY A 181 -2.11 19.35 -14.21
CA GLY A 181 -2.76 20.57 -13.77
C GLY A 181 -1.77 21.74 -13.78
N LYS A 182 -2.31 22.93 -13.53
CA LYS A 182 -1.50 24.14 -13.57
C LYS A 182 -0.26 24.19 -12.69
N ARG A 183 -0.38 23.80 -11.44
CA ARG A 183 0.77 23.86 -10.53
C ARG A 183 1.41 22.51 -10.22
N HIS A 184 1.52 21.64 -11.23
CA HIS A 184 2.09 20.30 -11.02
C HIS A 184 3.52 20.31 -10.51
N ALA A 185 4.37 21.07 -11.18
CA ALA A 185 5.78 21.16 -10.96
C ALA A 185 6.02 21.78 -9.58
N GLU A 186 5.28 22.85 -9.26
CA GLU A 186 5.41 23.54 -7.98
C GLU A 186 5.00 22.63 -6.82
N TYR A 187 3.99 21.79 -7.04
CA TYR A 187 3.55 20.86 -6.01
C TYR A 187 4.63 19.78 -5.82
N MET A 188 5.21 19.33 -6.92
CA MET A 188 6.26 18.30 -6.85
C MET A 188 7.49 18.83 -6.11
N THR A 189 7.84 20.10 -6.31
CA THR A 189 8.98 20.71 -5.64
C THR A 189 8.70 20.85 -4.14
N THR A 190 7.48 21.27 -3.80
CA THR A 190 7.08 21.44 -2.41
C THR A 190 7.08 20.10 -1.68
N LEU A 191 6.48 19.10 -2.30
CA LEU A 191 6.44 17.75 -1.75
C LEU A 191 7.85 17.17 -1.55
N THR A 192 8.72 17.35 -2.54
CA THR A 192 10.11 16.89 -2.48
C THR A 192 10.87 17.54 -1.30
N ARG A 193 10.68 18.83 -1.09
CA ARG A 193 11.34 19.50 0.03
C ARG A 193 10.83 19.04 1.40
N MET A 194 9.51 18.91 1.50
CA MET A 194 8.87 18.59 2.76
C MET A 194 8.84 17.16 3.29
N ILE A 195 8.83 16.19 2.39
CA ILE A 195 8.79 14.80 2.82
C ILE A 195 10.21 14.33 3.07
N PRO A 196 10.55 14.01 4.32
CA PRO A 196 11.89 13.57 4.70
C PRO A 196 12.18 12.13 4.27
N ALA A 197 12.12 11.92 2.97
CA ALA A 197 12.37 10.60 2.41
C ALA A 197 12.58 10.77 0.91
N PRO A 198 13.33 9.86 0.30
CA PRO A 198 13.57 9.98 -1.14
C PRO A 198 12.34 9.79 -2.02
N LEU A 199 12.22 10.60 -3.06
CA LEU A 199 11.14 10.44 -4.02
C LEU A 199 11.58 9.23 -4.87
N LEU A 200 10.83 8.13 -4.77
CA LEU A 200 11.20 6.91 -5.50
C LEU A 200 10.88 6.96 -6.99
N GLY A 201 9.90 7.80 -7.33
CA GLY A 201 9.47 7.90 -8.72
C GLY A 201 8.09 8.51 -8.80
N GLU A 202 7.66 8.82 -10.03
CA GLU A 202 6.35 9.42 -10.30
C GLU A 202 5.57 8.61 -11.35
N ILE A 203 4.36 8.21 -11.00
CA ILE A 203 3.56 7.43 -11.93
C ILE A 203 2.67 8.41 -12.70
N PRO A 204 2.78 8.42 -14.03
CA PRO A 204 1.97 9.32 -14.87
C PRO A 204 0.49 9.03 -14.78
N TRP A 205 -0.33 9.97 -15.25
CA TRP A 205 -1.78 9.78 -15.29
C TRP A 205 -2.06 8.76 -16.39
N LEU A 206 -2.41 7.53 -15.99
CA LEU A 206 -2.69 6.43 -16.90
C LEU A 206 -4.16 6.04 -16.79
N ALA A 207 -4.97 6.72 -17.58
CA ALA A 207 -6.42 6.53 -17.58
C ALA A 207 -6.95 5.10 -17.59
N GLU A 208 -6.48 4.31 -18.56
CA GLU A 208 -6.91 2.93 -18.76
C GLU A 208 -6.08 1.90 -17.99
N ASN A 209 -6.78 1.11 -17.17
CA ASN A 209 -6.23 0.02 -16.35
C ASN A 209 -4.78 0.19 -15.90
N PRO A 210 -4.50 1.25 -15.11
CA PRO A 210 -3.13 1.50 -14.63
C PRO A 210 -2.53 0.42 -13.74
N GLU A 211 -3.38 -0.46 -13.21
CA GLU A 211 -2.92 -1.56 -12.34
C GLU A 211 -2.19 -2.58 -13.20
N ASN A 212 -2.54 -2.61 -14.48
CA ASN A 212 -1.91 -3.54 -15.41
C ASN A 212 -1.00 -2.87 -16.44
N ALA A 213 -0.72 -1.57 -16.25
CA ALA A 213 0.18 -0.84 -17.15
C ALA A 213 1.61 -1.17 -16.69
N ALA A 214 2.57 -1.12 -17.61
CA ALA A 214 3.96 -1.38 -17.25
C ALA A 214 4.49 -0.11 -16.60
N THR A 215 4.43 -0.06 -15.28
CA THR A 215 4.82 1.12 -14.51
C THR A 215 6.11 0.97 -13.68
N GLY A 216 6.67 -0.24 -13.65
CA GLY A 216 7.91 -0.46 -12.90
C GLY A 216 9.03 0.50 -13.28
N LYS A 217 9.06 0.93 -14.53
CA LYS A 217 10.05 1.87 -15.04
C LYS A 217 10.06 3.24 -14.33
N TYR A 218 8.95 3.57 -13.67
CA TYR A 218 8.84 4.85 -12.98
C TYR A 218 9.41 4.85 -11.58
N ILE A 219 9.83 3.67 -11.10
CA ILE A 219 10.38 3.54 -9.76
C ILE A 219 11.88 3.24 -9.82
N ASN A 220 12.66 3.98 -9.04
CA ASN A 220 14.09 3.75 -8.96
C ASN A 220 14.33 3.02 -7.64
N LEU A 221 14.36 1.69 -7.71
CA LEU A 221 14.53 0.87 -6.53
C LEU A 221 15.86 1.08 -5.77
N ALA A 222 16.87 1.63 -6.44
CA ALA A 222 18.16 1.87 -5.79
C ALA A 222 18.08 3.02 -4.75
N LEU A 223 16.99 3.79 -4.79
CA LEU A 223 16.79 4.88 -3.82
C LEU A 223 16.06 4.36 -2.60
N LEU A 224 15.54 3.13 -2.68
CA LEU A 224 14.80 2.53 -1.57
C LEU A 224 15.77 1.86 -0.61
MG MG B . -5.62 0.05 -2.61
C1 DNN C . -11.07 6.16 7.48
O1 DNN C . -10.03 6.78 7.75
O2 DNN C . -12.21 6.68 7.56
C2 DNN C . -10.94 4.71 7.05
C3 DNN C . -11.25 4.50 5.57
C4 DNN C . -10.72 3.15 5.06
C5 DNN C . -11.24 2.87 3.67
C6 DNN C . -10.44 1.81 2.90
C7 DNN C . -11.32 0.95 1.97
C8 DNN C . -12.14 1.84 1.02
C9 DNN C . -13.55 1.36 1.05
N7 DNN C . -10.54 -0.12 1.26
N8 DNN C . -11.63 1.85 -0.40
PG ATP D . -7.81 2.02 -1.17
O1G ATP D . -9.12 1.42 -1.60
O2G ATP D . -7.72 2.80 0.13
O3G ATP D . -6.74 0.84 -0.90
PB ATP D . -5.85 3.22 -3.15
O1B ATP D . -5.26 1.86 -3.29
O2B ATP D . -5.13 4.27 -2.39
O3B ATP D . -7.29 3.00 -2.47
PA ATP D . -5.96 2.96 -6.11
O1A ATP D . -4.56 2.63 -6.51
O2A ATP D . -7.00 1.93 -6.11
O3A ATP D . -5.95 3.71 -4.66
O5' ATP D . -6.38 4.24 -7.02
C5' ATP D . -7.70 4.80 -6.86
C4' ATP D . -8.37 4.99 -8.23
O4' ATP D . -7.66 5.95 -9.06
C3' ATP D . -8.51 3.70 -9.05
O3' ATP D . -9.72 3.63 -9.82
C2' ATP D . -7.30 3.77 -9.96
O2' ATP D . -7.49 2.98 -11.15
C1' ATP D . -7.18 5.27 -10.22
N9 ATP D . -5.74 5.63 -10.39
C8 ATP D . -4.80 5.46 -9.46
N7 ATP D . -3.63 5.87 -9.95
C5 ATP D . -3.83 6.31 -11.20
C6 ATP D . -3.00 6.84 -12.17
N6 ATP D . -1.69 6.99 -11.98
N1 ATP D . -3.55 7.18 -13.35
C2 ATP D . -4.86 7.03 -13.58
N3 ATP D . -5.67 6.53 -12.65
C4 ATP D . -5.18 6.17 -11.47
#